data_3QFU
#
_entry.id   3QFU
#
_cell.length_a   63.367
_cell.length_b   85.667
_cell.length_c   94.921
_cell.angle_alpha   90.00
_cell.angle_beta   90.00
_cell.angle_gamma   90.00
#
_symmetry.space_group_name_H-M   'P 21 21 21'
#
loop_
_entity.id
_entity.type
_entity.pdbx_description
1 polymer '78 kDa glucose-regulated protein homolog'
2 non-polymer "ADENOSINE-5'-DIPHOSPHATE"
3 non-polymer 'PHOSPHATE ION'
4 non-polymer 'MAGNESIUM ION'
5 water water
#
_entity_poly.entity_id   1
_entity_poly.type   'polypeptide(L)'
_entity_poly.pdbx_seq_one_letter_code
;GMSHASGSHMADDVENYGTVIGIDLGTTYSCVAVMKNGKTEILANEQGNRITPSYVAFTDDERLIGDAAKNQVAANPQNT
IFDIKRLIGLKYNDRSVQKDIKHLPFNVVNKDGKPAVEVSVKGEKKVFTPEEISGMILGKMKQIAEDYLGTKVTHAVVTV
PAYFNDAQRQATKDAGTIAGLNVLRIVNEPTAAAIAYGLDKSDKEHQIIVYDLGGGTFDVSLLSIENGVFEVQATSGDTH
LGGEDFDYKIVRQLIKAFKKKHGIDVSDNNKALAKLKREAEKAKRALSSQMSTRIEIDSFVDGIDLSETLTRAKFEELNL
DLFKKTLKPVEKVLQDSGLEKKDVDDIVLVGGSTRIPKVQQLLESYFDGKKASKGINPDEAVAYGAAVQAGVLS
;
_entity_poly.pdbx_strand_id   A
#
loop_
_chem_comp.id
_chem_comp.type
_chem_comp.name
_chem_comp.formula
ADP non-polymer ADENOSINE-5'-DIPHOSPHATE 'C10 H15 N5 O10 P2'
MG non-polymer 'MAGNESIUM ION' 'Mg 2'
PO4 non-polymer 'PHOSPHATE ION' 'O4 P -3'
#
# COMPACT_ATOMS: atom_id res chain seq x y z
N ASN A 16 -18.88 -21.45 14.59
CA ASN A 16 -17.40 -21.67 14.65
C ASN A 16 -16.66 -20.76 13.66
N TYR A 17 -15.81 -19.89 14.20
CA TYR A 17 -15.04 -18.97 13.37
C TYR A 17 -13.75 -19.61 12.84
N GLY A 18 -13.34 -20.72 13.44
CA GLY A 18 -12.06 -21.33 13.13
C GLY A 18 -10.91 -20.40 13.51
N THR A 19 -9.82 -20.47 12.74
CA THR A 19 -8.70 -19.56 12.95
C THR A 19 -8.91 -18.30 12.11
N VAL A 20 -9.17 -17.18 12.80
CA VAL A 20 -9.47 -15.91 12.15
C VAL A 20 -8.18 -15.20 11.76
N ILE A 21 -8.06 -14.85 10.48
CA ILE A 21 -6.84 -14.22 9.96
C ILE A 21 -7.00 -12.70 9.82
N GLY A 22 -5.87 -12.01 9.77
CA GLY A 22 -5.85 -10.56 9.59
C GLY A 22 -5.27 -10.20 8.24
N ILE A 23 -5.95 -9.32 7.51
CA ILE A 23 -5.50 -8.92 6.18
C ILE A 23 -5.45 -7.40 6.00
N ASP A 24 -4.28 -6.91 5.60
CA ASP A 24 -4.12 -5.55 5.13
C ASP A 24 -4.31 -5.58 3.60
N LEU A 25 -5.48 -5.13 3.15
CA LEU A 25 -5.77 -5.06 1.72
C LEU A 25 -5.40 -3.66 1.23
N GLY A 26 -4.15 -3.52 0.79
CA GLY A 26 -3.60 -2.20 0.49
C GLY A 26 -3.76 -1.76 -0.95
N THR A 27 -3.57 -0.46 -1.16
CA THR A 27 -3.64 0.13 -2.50
C THR A 27 -2.63 -0.51 -3.46
N THR A 28 -1.39 -0.70 -2.99
CA THR A 28 -0.33 -1.24 -3.85
C THR A 28 0.15 -2.63 -3.41
N TYR A 29 0.12 -2.89 -2.11
CA TYR A 29 0.51 -4.18 -1.56
C TYR A 29 -0.50 -4.71 -0.55
N SER A 30 -0.65 -6.02 -0.50
CA SER A 30 -1.45 -6.67 0.53
C SER A 30 -0.59 -7.56 1.42
N CYS A 31 -1.04 -7.75 2.66
CA CYS A 31 -0.28 -8.50 3.66
C CYS A 31 -1.25 -9.31 4.52
N VAL A 32 -0.90 -10.56 4.77
CA VAL A 32 -1.73 -11.44 5.60
C VAL A 32 -0.94 -11.91 6.83
N ALA A 33 -1.63 -11.97 7.96
CA ALA A 33 -1.02 -12.36 9.22
C ALA A 33 -1.98 -13.20 10.05
N VAL A 34 -1.45 -13.98 10.99
CA VAL A 34 -2.28 -14.78 11.87
C VAL A 34 -1.64 -14.93 13.25
N MET A 35 -2.47 -14.84 14.28
CA MET A 35 -2.04 -15.11 15.64
C MET A 35 -2.40 -16.56 15.97
N LYS A 36 -1.37 -17.36 16.25
CA LYS A 36 -1.54 -18.77 16.58
C LYS A 36 -0.59 -19.14 17.71
N ASN A 37 -1.17 -19.58 18.83
CA ASN A 37 -0.45 -19.98 20.04
C ASN A 37 0.63 -18.99 20.52
N GLY A 38 0.17 -17.78 20.86
CA GLY A 38 1.01 -16.77 21.52
C GLY A 38 1.96 -15.99 20.63
N LYS A 39 1.83 -16.15 19.33
CA LYS A 39 2.69 -15.45 18.37
C LYS A 39 1.91 -15.00 17.13
N THR A 40 2.13 -13.76 16.71
CA THR A 40 1.54 -13.23 15.49
C THR A 40 2.60 -13.19 14.39
N GLU A 41 2.31 -13.82 13.29
CA GLU A 41 3.25 -13.79 12.16
C GLU A 41 2.59 -13.32 10.89
N ILE A 42 3.51 -12.72 10.13
CA ILE A 42 3.17 -12.31 8.77
C ILE A 42 3.57 -13.46 7.85
N LEU A 43 2.69 -13.79 6.91
CA LEU A 43 2.84 -15.01 6.13
C LEU A 43 3.32 -14.69 4.72
N ALA A 44 4.48 -15.25 4.37
CA ALA A 44 5.06 -15.06 3.04
C ALA A 44 4.28 -15.81 1.97
N ASN A 45 4.21 -15.23 0.77
CA ASN A 45 3.53 -15.88 -0.35
C ASN A 45 4.38 -17.00 -0.96
N GLU A 46 3.90 -17.59 -2.05
CA GLU A 46 4.59 -18.72 -2.70
C GLU A 46 5.96 -18.35 -3.28
N GLN A 47 6.16 -17.06 -3.55
CA GLN A 47 7.45 -16.56 -4.03
C GLN A 47 8.38 -16.13 -2.89
N GLY A 48 7.90 -16.28 -1.66
CA GLY A 48 8.70 -15.98 -0.46
C GLY A 48 8.62 -14.53 0.00
N ASN A 49 7.72 -13.78 -0.62
CA ASN A 49 7.54 -12.37 -0.30
C ASN A 49 6.50 -12.17 0.80
N ARG A 50 6.88 -11.44 1.84
CA ARG A 50 6.02 -11.21 3.00
C ARG A 50 4.87 -10.24 2.72
N ILE A 51 4.97 -9.53 1.61
CA ILE A 51 3.89 -8.70 1.08
C ILE A 51 3.65 -9.05 -0.40
N THR A 52 2.43 -8.83 -0.87
CA THR A 52 2.02 -9.23 -2.22
C THR A 52 1.42 -8.03 -2.96
N PRO A 53 1.90 -7.75 -4.19
CA PRO A 53 1.33 -6.64 -4.97
C PRO A 53 -0.18 -6.81 -5.15
N SER A 54 -0.93 -5.73 -4.94
CA SER A 54 -2.37 -5.73 -5.14
C SER A 54 -2.67 -5.62 -6.63
N TYR A 55 -2.29 -6.67 -7.36
CA TYR A 55 -2.40 -6.74 -8.81
C TYR A 55 -3.15 -7.99 -9.23
N VAL A 56 -3.98 -7.84 -10.27
CA VAL A 56 -4.60 -8.97 -10.94
C VAL A 56 -4.43 -8.80 -12.45
N ALA A 57 -4.05 -9.87 -13.13
CA ALA A 57 -3.88 -9.83 -14.57
C ALA A 57 -4.65 -10.96 -15.25
N PHE A 58 -5.24 -10.65 -16.40
CA PHE A 58 -6.02 -11.61 -17.17
C PHE A 58 -5.32 -11.89 -18.48
N THR A 59 -4.96 -13.16 -18.68
CA THR A 59 -4.28 -13.59 -19.90
C THR A 59 -5.11 -14.69 -20.58
N ASP A 60 -4.67 -15.10 -21.76
CA ASP A 60 -5.36 -16.14 -22.52
C ASP A 60 -5.44 -17.47 -21.76
N ASP A 61 -4.44 -17.73 -20.91
CA ASP A 61 -4.33 -19.01 -20.21
C ASP A 61 -4.66 -18.94 -18.73
N GLU A 62 -4.41 -17.91 -17.98
CA GLU A 62 -3.98 -17.73 -16.59
C GLU A 62 -4.72 -16.58 -15.89
N ARG A 63 -5.36 -16.63 -14.86
CA ARG A 63 -5.69 -15.47 -14.05
C ARG A 63 -4.58 -15.29 -13.02
N LEU A 64 -3.79 -14.24 -13.20
CA LEU A 64 -2.61 -14.00 -12.36
C LEU A 64 -2.92 -13.04 -11.22
N ILE A 65 -2.45 -13.38 -10.02
CA ILE A 65 -2.70 -12.57 -8.83
C ILE A 65 -1.41 -12.37 -8.04
N GLY A 66 -1.05 -11.12 -7.83
CA GLY A 66 0.11 -10.77 -7.01
C GLY A 66 1.38 -10.53 -7.81
N ASP A 67 2.48 -11.15 -7.36
CA ASP A 67 3.79 -10.98 -7.99
C ASP A 67 3.81 -11.28 -9.48
N ALA A 68 3.20 -12.39 -9.88
CA ALA A 68 3.17 -12.80 -11.30
C ALA A 68 2.43 -11.78 -12.16
N ALA A 69 1.37 -11.18 -11.61
CA ALA A 69 0.60 -10.16 -12.31
C ALA A 69 1.40 -8.87 -12.49
N LYS A 70 2.05 -8.41 -11.43
CA LYS A 70 2.87 -7.20 -11.49
C LYS A 70 4.08 -7.39 -12.42
N ASN A 71 4.67 -8.59 -12.40
CA ASN A 71 5.84 -8.91 -13.22
C ASN A 71 5.63 -8.82 -14.73
N GLN A 72 4.41 -9.09 -15.19
CA GLN A 72 4.10 -9.09 -16.62
C GLN A 72 3.31 -7.86 -17.10
N VAL A 73 3.21 -6.84 -16.23
CA VAL A 73 2.39 -5.66 -16.49
C VAL A 73 2.69 -4.98 -17.84
N ALA A 74 3.97 -4.83 -18.17
CA ALA A 74 4.40 -4.16 -19.41
C ALA A 74 3.97 -4.93 -20.66
N ALA A 75 3.94 -6.26 -20.57
CA ALA A 75 3.55 -7.10 -21.69
C ALA A 75 2.03 -7.12 -21.91
N ASN A 76 1.27 -6.75 -20.88
CA ASN A 76 -0.19 -6.87 -20.89
C ASN A 76 -0.86 -5.73 -20.11
N PRO A 77 -0.62 -4.47 -20.52
CA PRO A 77 -1.06 -3.32 -19.70
C PRO A 77 -2.57 -3.10 -19.69
N GLN A 78 -3.26 -3.47 -20.76
CA GLN A 78 -4.72 -3.30 -20.87
C GLN A 78 -5.50 -4.28 -20.00
N ASN A 79 -4.87 -5.40 -19.65
CA ASN A 79 -5.53 -6.47 -18.91
C ASN A 79 -4.92 -6.73 -17.53
N THR A 80 -4.06 -5.82 -17.08
CA THR A 80 -3.46 -5.91 -15.75
C THR A 80 -4.04 -4.81 -14.86
N ILE A 81 -4.71 -5.24 -13.80
CA ILE A 81 -5.47 -4.33 -12.94
C ILE A 81 -4.69 -4.03 -11.66
N PHE A 82 -4.63 -2.74 -11.33
CA PHE A 82 -4.00 -2.26 -10.10
C PHE A 82 -4.75 -1.02 -9.62
N ASP A 83 -4.45 -0.59 -8.39
CA ASP A 83 -5.10 0.58 -7.78
C ASP A 83 -6.63 0.46 -7.68
N ILE A 84 -7.14 -0.77 -7.62
CA ILE A 84 -8.59 -0.99 -7.56
C ILE A 84 -9.20 -0.38 -6.29
N LYS A 85 -8.38 -0.23 -5.26
CA LYS A 85 -8.78 0.36 -3.98
C LYS A 85 -9.19 1.83 -4.15
N ARG A 86 -8.68 2.46 -5.21
CA ARG A 86 -9.06 3.84 -5.54
C ARG A 86 -10.49 3.93 -6.07
N LEU A 87 -11.07 2.79 -6.44
CA LEU A 87 -12.39 2.75 -7.06
C LEU A 87 -13.45 2.07 -6.18
N ILE A 88 -13.01 1.22 -5.26
CA ILE A 88 -13.91 0.39 -4.47
C ILE A 88 -14.93 1.21 -3.66
N GLY A 89 -16.21 0.83 -3.77
CA GLY A 89 -17.29 1.45 -2.99
C GLY A 89 -17.73 2.82 -3.45
N LEU A 90 -17.16 3.30 -4.55
CA LEU A 90 -17.49 4.63 -5.07
C LEU A 90 -18.43 4.57 -6.26
N LYS A 91 -18.91 5.74 -6.69
CA LYS A 91 -19.76 5.85 -7.86
C LYS A 91 -18.95 6.34 -9.06
N TYR A 92 -19.38 5.98 -10.26
CA TYR A 92 -18.66 6.32 -11.49
C TYR A 92 -18.46 7.82 -11.66
N ASN A 93 -19.51 8.59 -11.36
CA ASN A 93 -19.48 10.05 -11.54
C ASN A 93 -18.83 10.85 -10.42
N ASP A 94 -18.25 10.16 -9.43
CA ASP A 94 -17.50 10.82 -8.37
C ASP A 94 -16.28 11.54 -8.93
N ARG A 95 -16.01 12.74 -8.42
CA ARG A 95 -14.88 13.57 -8.85
C ARG A 95 -13.55 12.81 -8.82
N SER A 96 -13.30 12.08 -7.73
CA SER A 96 -12.07 11.33 -7.56
C SER A 96 -11.94 10.21 -8.59
N VAL A 97 -13.04 9.51 -8.86
CA VAL A 97 -13.08 8.41 -9.82
C VAL A 97 -12.75 8.91 -11.23
N GLN A 98 -13.35 10.02 -11.63
CA GLN A 98 -13.09 10.62 -12.95
C GLN A 98 -11.64 11.02 -13.11
N LYS A 99 -11.04 11.56 -12.04
CA LYS A 99 -9.63 11.93 -12.03
C LYS A 99 -8.72 10.70 -12.11
N ASP A 100 -9.08 9.66 -11.36
CA ASP A 100 -8.27 8.44 -11.26
C ASP A 100 -8.23 7.62 -12.55
N ILE A 101 -9.36 7.53 -13.24
CA ILE A 101 -9.47 6.70 -14.45
C ILE A 101 -8.71 7.27 -15.65
N LYS A 102 -8.35 8.55 -15.57
CA LYS A 102 -7.51 9.21 -16.58
C LYS A 102 -6.08 8.67 -16.53
N HIS A 103 -5.62 8.27 -15.35
CA HIS A 103 -4.25 7.81 -15.14
C HIS A 103 -4.11 6.28 -15.05
N LEU A 104 -5.19 5.57 -15.38
CA LEU A 104 -5.17 4.11 -15.41
C LEU A 104 -5.18 3.60 -16.85
N PRO A 105 -4.23 2.72 -17.21
CA PRO A 105 -4.04 2.23 -18.59
C PRO A 105 -5.05 1.17 -19.04
N PHE A 106 -5.85 0.66 -18.12
CA PHE A 106 -6.92 -0.28 -18.44
C PHE A 106 -8.27 0.43 -18.53
N ASN A 107 -9.22 -0.22 -19.20
CA ASN A 107 -10.54 0.37 -19.40
C ASN A 107 -11.42 0.29 -18.16
N VAL A 108 -11.99 1.44 -17.78
CA VAL A 108 -12.97 1.51 -16.70
C VAL A 108 -14.29 1.96 -17.28
N VAL A 109 -15.34 1.19 -17.01
CA VAL A 109 -16.67 1.46 -17.55
C VAL A 109 -17.68 1.80 -16.45
N ASN A 110 -18.77 2.45 -16.85
CA ASN A 110 -19.88 2.72 -15.95
C ASN A 110 -20.87 1.56 -15.98
N LYS A 111 -20.91 0.81 -14.89
CA LYS A 111 -21.81 -0.33 -14.74
C LYS A 111 -22.77 -0.06 -13.59
N ASP A 112 -24.02 0.24 -13.92
CA ASP A 112 -25.07 0.55 -12.94
C ASP A 112 -24.71 1.68 -11.98
N GLY A 113 -24.03 2.70 -12.50
CA GLY A 113 -23.65 3.88 -11.71
C GLY A 113 -22.32 3.75 -10.99
N LYS A 114 -21.68 2.59 -11.11
CA LYS A 114 -20.44 2.30 -10.39
C LYS A 114 -19.31 1.97 -11.36
N PRO A 115 -18.05 2.31 -11.00
CA PRO A 115 -16.93 1.98 -11.86
C PRO A 115 -16.63 0.48 -11.85
N ALA A 116 -16.28 -0.05 -13.01
CA ALA A 116 -15.90 -1.45 -13.16
C ALA A 116 -14.84 -1.58 -14.25
N VAL A 117 -13.98 -2.58 -14.13
CA VAL A 117 -12.90 -2.77 -15.10
C VAL A 117 -13.34 -3.67 -16.25
N GLU A 118 -12.90 -3.33 -17.46
CA GLU A 118 -13.21 -4.09 -18.66
C GLU A 118 -11.93 -4.66 -19.26
N VAL A 119 -11.86 -5.98 -19.35
CA VAL A 119 -10.69 -6.67 -19.88
C VAL A 119 -11.11 -7.70 -20.93
N SER A 120 -10.12 -8.38 -21.52
CA SER A 120 -10.36 -9.53 -22.38
C SER A 120 -9.92 -10.80 -21.66
N VAL A 121 -10.81 -11.78 -21.60
CA VAL A 121 -10.52 -13.02 -20.87
C VAL A 121 -10.30 -14.21 -21.81
N LYS A 122 -11.27 -14.45 -22.70
CA LYS A 122 -11.17 -15.55 -23.66
C LYS A 122 -10.78 -15.05 -25.05
N GLY A 123 -10.83 -13.73 -25.22
CA GLY A 123 -10.74 -13.09 -26.53
C GLY A 123 -12.00 -12.28 -26.73
N GLU A 124 -12.69 -12.04 -25.61
CA GLU A 124 -13.98 -11.37 -25.55
C GLU A 124 -14.02 -10.48 -24.32
N LYS A 125 -14.79 -9.39 -24.38
CA LYS A 125 -14.84 -8.42 -23.29
C LYS A 125 -15.51 -8.96 -22.04
N LYS A 126 -14.84 -8.77 -20.90
CA LYS A 126 -15.36 -9.17 -19.59
C LYS A 126 -15.22 -8.04 -18.59
N VAL A 127 -16.27 -7.85 -17.79
CA VAL A 127 -16.35 -6.75 -16.83
C VAL A 127 -16.30 -7.29 -15.40
N PHE A 128 -15.46 -6.66 -14.58
CA PHE A 128 -15.31 -7.03 -13.18
C PHE A 128 -15.48 -5.83 -12.26
N THR A 129 -16.22 -6.01 -11.18
CA THR A 129 -16.39 -4.97 -10.16
C THR A 129 -15.14 -4.87 -9.30
N PRO A 130 -14.93 -3.71 -8.63
CA PRO A 130 -13.83 -3.61 -7.67
C PRO A 130 -13.92 -4.66 -6.56
N GLU A 131 -15.14 -5.04 -6.19
CA GLU A 131 -15.37 -6.11 -5.21
C GLU A 131 -14.80 -7.44 -5.70
N GLU A 132 -15.06 -7.75 -6.96
CA GLU A 132 -14.56 -8.98 -7.58
C GLU A 132 -13.03 -9.01 -7.67
N ILE A 133 -12.44 -7.89 -8.10
CA ILE A 133 -10.98 -7.76 -8.20
C ILE A 133 -10.32 -7.88 -6.83
N SER A 134 -10.84 -7.15 -5.85
CA SER A 134 -10.34 -7.22 -4.48
C SER A 134 -10.53 -8.63 -3.91
N GLY A 135 -11.65 -9.27 -4.27
CA GLY A 135 -11.94 -10.64 -3.88
C GLY A 135 -10.91 -11.65 -4.36
N MET A 136 -10.38 -11.41 -5.56
CA MET A 136 -9.29 -12.24 -6.09
C MET A 136 -8.03 -12.13 -5.23
N ILE A 137 -7.70 -10.91 -4.83
CA ILE A 137 -6.56 -10.65 -3.94
C ILE A 137 -6.78 -11.24 -2.55
N LEU A 138 -7.97 -11.05 -1.99
CA LEU A 138 -8.31 -11.62 -0.68
C LEU A 138 -8.28 -13.15 -0.68
N GLY A 139 -8.73 -13.74 -1.79
CA GLY A 139 -8.69 -15.19 -1.98
C GLY A 139 -7.28 -15.74 -1.93
N LYS A 140 -6.33 -15.00 -2.52
CA LYS A 140 -4.92 -15.39 -2.48
C LYS A 140 -4.38 -15.34 -1.06
N MET A 141 -4.70 -14.26 -0.34
CA MET A 141 -4.29 -14.11 1.06
C MET A 141 -4.84 -15.28 1.89
N LYS A 142 -6.09 -15.67 1.64
CA LYS A 142 -6.71 -16.80 2.32
C LYS A 142 -5.98 -18.10 2.04
N GLN A 143 -5.67 -18.33 0.77
CA GLN A 143 -4.96 -19.55 0.37
C GLN A 143 -3.57 -19.65 0.99
N ILE A 144 -2.89 -18.51 1.11
CA ILE A 144 -1.59 -18.44 1.80
C ILE A 144 -1.74 -18.89 3.25
N ALA A 145 -2.75 -18.34 3.92
CA ALA A 145 -3.04 -18.68 5.31
C ALA A 145 -3.41 -20.15 5.49
N GLU A 146 -4.16 -20.69 4.53
CA GLU A 146 -4.61 -22.08 4.59
C GLU A 146 -3.44 -23.07 4.53
N ASP A 147 -2.45 -22.78 3.70
CA ASP A 147 -1.22 -23.58 3.66
C ASP A 147 -0.42 -23.44 4.95
N TYR A 148 -0.32 -22.21 5.45
CA TYR A 148 0.41 -21.93 6.69
C TYR A 148 -0.17 -22.68 7.90
N LEU A 149 -1.50 -22.72 7.97
CA LEU A 149 -2.20 -23.35 9.07
C LEU A 149 -2.45 -24.85 8.85
N GLY A 150 -2.46 -25.27 7.59
CA GLY A 150 -2.81 -26.65 7.23
C GLY A 150 -4.28 -26.96 7.42
N THR A 151 -5.08 -25.91 7.49
CA THR A 151 -6.53 -26.03 7.72
C THR A 151 -7.29 -25.06 6.81
N LYS A 152 -8.60 -25.22 6.75
CA LYS A 152 -9.47 -24.27 6.07
C LYS A 152 -9.49 -22.94 6.85
N VAL A 153 -9.66 -21.85 6.13
CA VAL A 153 -9.89 -20.53 6.74
C VAL A 153 -11.23 -20.01 6.21
N THR A 154 -12.07 -19.53 7.13
CA THR A 154 -13.42 -19.06 6.77
C THR A 154 -13.72 -17.62 7.21
N HIS A 155 -12.96 -17.12 8.17
CA HIS A 155 -13.22 -15.81 8.76
C HIS A 155 -11.98 -14.93 8.82
N ALA A 156 -12.19 -13.62 8.76
CA ALA A 156 -11.07 -12.66 8.72
C ALA A 156 -11.42 -11.30 9.32
N VAL A 157 -10.37 -10.57 9.72
CA VAL A 157 -10.44 -9.15 10.02
C VAL A 157 -9.68 -8.45 8.91
N VAL A 158 -10.32 -7.46 8.28
CA VAL A 158 -9.72 -6.76 7.15
C VAL A 158 -9.67 -5.26 7.45
N THR A 159 -8.54 -4.64 7.14
CA THR A 159 -8.35 -3.22 7.43
C THR A 159 -8.72 -2.31 6.25
N VAL A 160 -9.12 -1.08 6.58
CA VAL A 160 -9.42 -0.04 5.60
C VAL A 160 -8.88 1.29 6.10
N PRO A 161 -8.68 2.28 5.21
CA PRO A 161 -8.33 3.62 5.68
C PRO A 161 -9.42 4.20 6.58
N ALA A 162 -9.02 5.01 7.55
CA ALA A 162 -9.95 5.61 8.51
C ALA A 162 -11.06 6.41 7.84
N TYR A 163 -10.77 7.00 6.68
CA TYR A 163 -11.71 7.89 6.00
C TYR A 163 -12.71 7.16 5.11
N PHE A 164 -12.56 5.85 4.97
CA PHE A 164 -13.52 5.04 4.22
C PHE A 164 -14.92 5.17 4.83
N ASN A 165 -15.93 5.30 3.98
CA ASN A 165 -17.31 5.36 4.42
C ASN A 165 -17.94 3.97 4.40
N ASP A 166 -19.23 3.89 4.74
CA ASP A 166 -19.92 2.60 4.83
C ASP A 166 -19.94 1.83 3.50
N ALA A 167 -20.17 2.53 2.40
CA ALA A 167 -20.16 1.92 1.07
C ALA A 167 -18.83 1.24 0.78
N GLN A 168 -17.75 1.91 1.13
CA GLN A 168 -16.39 1.41 0.92
C GLN A 168 -16.06 0.25 1.85
N ARG A 169 -16.50 0.36 3.11
CA ARG A 169 -16.35 -0.71 4.09
C ARG A 169 -17.16 -1.95 3.70
N GLN A 170 -18.41 -1.74 3.29
CA GLN A 170 -19.28 -2.83 2.85
C GLN A 170 -18.74 -3.53 1.59
N ALA A 171 -18.19 -2.73 0.67
CA ALA A 171 -17.61 -3.28 -0.56
C ALA A 171 -16.41 -4.16 -0.24
N THR A 172 -15.65 -3.78 0.79
CA THR A 172 -14.52 -4.58 1.25
C THR A 172 -14.99 -5.89 1.90
N LYS A 173 -16.07 -5.80 2.69
CA LYS A 173 -16.74 -6.99 3.24
C LYS A 173 -17.24 -7.90 2.12
N ASP A 174 -17.85 -7.30 1.09
CA ASP A 174 -18.40 -8.04 -0.05
C ASP A 174 -17.30 -8.73 -0.86
N ALA A 175 -16.14 -8.07 -0.96
CA ALA A 175 -14.96 -8.67 -1.58
C ALA A 175 -14.53 -9.91 -0.81
N GLY A 176 -14.59 -9.82 0.53
CA GLY A 176 -14.35 -10.96 1.40
C GLY A 176 -15.26 -12.13 1.09
N THR A 177 -16.56 -11.85 1.00
CA THR A 177 -17.57 -12.87 0.70
C THR A 177 -17.29 -13.61 -0.61
N ILE A 178 -16.88 -12.87 -1.64
CA ILE A 178 -16.51 -13.46 -2.93
C ILE A 178 -15.33 -14.42 -2.76
N ALA A 179 -14.42 -14.06 -1.87
CA ALA A 179 -13.22 -14.86 -1.57
C ALA A 179 -13.48 -16.01 -0.59
N GLY A 180 -14.74 -16.16 -0.17
CA GLY A 180 -15.11 -17.20 0.78
C GLY A 180 -14.73 -16.86 2.21
N LEU A 181 -14.59 -15.57 2.48
CA LEU A 181 -14.25 -15.07 3.81
C LEU A 181 -15.39 -14.29 4.42
N ASN A 182 -15.77 -14.67 5.63
CA ASN A 182 -16.67 -13.88 6.45
C ASN A 182 -15.82 -12.84 7.18
N VAL A 183 -15.88 -11.60 6.71
CA VAL A 183 -15.13 -10.49 7.32
C VAL A 183 -15.88 -10.04 8.57
N LEU A 184 -15.42 -10.53 9.73
CA LEU A 184 -16.09 -10.28 11.01
C LEU A 184 -15.99 -8.83 11.46
N ARG A 185 -14.85 -8.21 11.18
CA ARG A 185 -14.62 -6.81 11.54
C ARG A 185 -13.89 -6.09 10.40
N ILE A 186 -14.39 -4.91 10.07
CA ILE A 186 -13.63 -3.95 9.27
C ILE A 186 -12.97 -2.99 10.26
N VAL A 187 -11.64 -2.94 10.22
CA VAL A 187 -10.86 -2.17 11.19
C VAL A 187 -10.06 -1.06 10.51
N ASN A 188 -9.98 0.10 11.15
CA ASN A 188 -9.20 1.22 10.63
C ASN A 188 -7.69 0.96 10.64
N GLU A 189 -7.04 1.27 9.51
CA GLU A 189 -5.60 1.06 9.35
C GLU A 189 -4.72 1.69 10.45
N PRO A 190 -4.92 2.98 10.78
CA PRO A 190 -4.09 3.55 11.85
C PRO A 190 -4.30 2.87 13.21
N THR A 191 -5.54 2.43 13.47
CA THR A 191 -5.89 1.75 14.71
C THR A 191 -5.21 0.38 14.80
N ALA A 192 -5.23 -0.34 13.67
CA ALA A 192 -4.54 -1.62 13.55
C ALA A 192 -3.06 -1.47 13.88
N ALA A 193 -2.42 -0.43 13.34
CA ALA A 193 -1.01 -0.13 13.61
C ALA A 193 -0.77 0.16 15.10
N ALA A 194 -1.67 0.93 15.70
CA ALA A 194 -1.59 1.26 17.12
C ALA A 194 -1.73 0.00 17.98
N ILE A 195 -2.67 -0.86 17.60
CA ILE A 195 -2.88 -2.15 18.27
C ILE A 195 -1.64 -3.04 18.17
N ALA A 196 -1.01 -3.07 17.01
CA ALA A 196 0.24 -3.75 16.80
C ALA A 196 1.30 -3.41 17.87
N TYR A 197 1.45 -2.13 18.13
CA TYR A 197 2.40 -1.60 19.10
C TYR A 197 1.92 -1.67 20.56
N GLY A 198 0.81 -2.32 20.77
CA GLY A 198 0.23 -2.51 22.09
C GLY A 198 -0.30 -1.25 22.74
N LEU A 199 -0.50 -0.23 21.95
CA LEU A 199 -0.94 1.03 22.48
C LEU A 199 -2.37 1.03 22.93
N ASP A 200 -3.03 -0.11 22.87
CA ASP A 200 -4.40 -0.25 23.30
C ASP A 200 -4.45 -0.42 24.79
N LYS A 201 -3.33 -0.87 25.31
CA LYS A 201 -3.23 -1.29 26.66
C LYS A 201 -2.58 -0.25 27.47
N SER A 202 -2.92 0.96 27.30
CA SER A 202 -2.31 1.94 28.11
C SER A 202 -2.92 2.15 29.50
N ASP A 203 -2.11 2.42 30.51
CA ASP A 203 -2.65 2.71 31.84
C ASP A 203 -3.04 4.14 32.02
N LYS A 204 -2.76 4.98 31.04
CA LYS A 204 -3.41 6.28 31.01
C LYS A 204 -4.00 6.74 29.64
N GLU A 205 -4.42 7.99 29.53
CA GLU A 205 -4.86 8.51 28.24
C GLU A 205 -3.68 8.90 27.40
N HIS A 206 -3.72 8.57 26.11
CA HIS A 206 -2.66 8.90 25.18
C HIS A 206 -3.22 9.40 23.88
N GLN A 207 -2.51 10.32 23.28
CA GLN A 207 -2.75 10.79 21.95
C GLN A 207 -1.69 10.20 21.03
N ILE A 208 -2.12 9.53 19.98
CA ILE A 208 -1.23 8.82 19.11
C ILE A 208 -1.28 9.40 17.70
N ILE A 209 -0.16 9.79 17.14
CA ILE A 209 -0.09 10.15 15.75
C ILE A 209 0.36 8.91 14.96
N VAL A 210 -0.37 8.56 13.90
CA VAL A 210 0.02 7.48 13.00
C VAL A 210 0.37 8.08 11.64
N TYR A 211 1.66 8.04 11.31
CA TYR A 211 2.17 8.57 10.05
C TYR A 211 2.35 7.37 9.12
N ASP A 212 1.57 7.34 8.04
CA ASP A 212 1.52 6.19 7.14
C ASP A 212 1.83 6.59 5.70
N LEU A 213 3.07 6.38 5.29
CA LEU A 213 3.49 6.68 3.92
C LEU A 213 3.73 5.38 3.17
N GLY A 214 2.83 5.08 2.24
CA GLY A 214 2.86 3.82 1.51
C GLY A 214 3.33 3.95 0.09
N GLY A 215 2.79 3.11 -0.79
CA GLY A 215 3.16 3.09 -2.19
C GLY A 215 2.43 4.12 -3.02
N GLY A 216 1.16 4.35 -2.69
CA GLY A 216 0.32 5.26 -3.47
C GLY A 216 -0.24 6.42 -2.68
N THR A 217 -0.42 6.21 -1.37
CA THR A 217 -1.11 7.18 -0.53
C THR A 217 -0.33 7.54 0.73
N PHE A 218 -0.61 8.74 1.23
CA PHE A 218 -0.07 9.19 2.49
C PHE A 218 -1.21 9.49 3.47
N ASP A 219 -1.13 8.92 4.67
CA ASP A 219 -2.16 9.10 5.69
C ASP A 219 -1.57 9.50 7.04
N VAL A 220 -2.14 10.53 7.65
CA VAL A 220 -1.86 10.90 9.04
C VAL A 220 -3.16 10.89 9.84
N SER A 221 -3.15 10.23 10.99
CA SER A 221 -4.32 10.17 11.85
C SER A 221 -3.95 10.39 13.31
N LEU A 222 -4.78 11.15 14.02
CA LEU A 222 -4.67 11.24 15.47
C LEU A 222 -5.70 10.33 16.12
N LEU A 223 -5.21 9.40 16.93
CA LEU A 223 -6.06 8.50 17.70
C LEU A 223 -5.94 8.80 19.18
N SER A 224 -7.06 8.69 19.89
CA SER A 224 -7.05 8.69 21.35
C SER A 224 -7.31 7.27 21.83
N ILE A 225 -6.68 6.90 22.93
CA ILE A 225 -6.90 5.59 23.55
C ILE A 225 -7.21 5.74 25.04
N GLU A 226 -8.30 5.12 25.47
CA GLU A 226 -8.77 5.19 26.85
C GLU A 226 -9.36 3.85 27.30
N ASN A 227 -8.72 3.22 28.27
CA ASN A 227 -9.17 1.94 28.84
C ASN A 227 -9.54 0.88 27.79
N GLY A 228 -8.79 0.87 26.68
CA GLY A 228 -9.01 -0.11 25.61
C GLY A 228 -9.86 0.38 24.44
N VAL A 229 -10.38 1.60 24.55
CA VAL A 229 -11.27 2.15 23.53
C VAL A 229 -10.58 3.20 22.66
N PHE A 230 -10.50 2.93 21.36
CA PHE A 230 -9.92 3.83 20.39
C PHE A 230 -10.94 4.78 19.79
N GLU A 231 -10.52 6.01 19.54
CA GLU A 231 -11.32 6.95 18.76
C GLU A 231 -10.45 7.68 17.74
N VAL A 232 -10.93 7.69 16.49
CA VAL A 232 -10.28 8.46 15.43
C VAL A 232 -10.65 9.93 15.61
N GLN A 233 -9.69 10.72 16.07
CA GLN A 233 -9.92 12.13 16.41
C GLN A 233 -9.81 13.06 15.21
N ALA A 234 -8.83 12.79 14.33
CA ALA A 234 -8.60 13.61 13.15
C ALA A 234 -7.79 12.84 12.10
N THR A 235 -8.12 13.05 10.82
CA THR A 235 -7.39 12.43 9.71
C THR A 235 -7.11 13.43 8.60
N SER A 236 -5.94 13.28 7.98
CA SER A 236 -5.54 14.07 6.81
C SER A 236 -4.53 13.27 5.99
N GLY A 237 -3.98 13.89 4.95
CA GLY A 237 -2.97 13.25 4.12
C GLY A 237 -3.03 13.67 2.66
N ASP A 238 -2.55 12.78 1.79
CA ASP A 238 -2.53 13.01 0.35
C ASP A 238 -2.72 11.67 -0.34
N THR A 239 -3.85 11.50 -1.01
CA THR A 239 -4.19 10.23 -1.67
C THR A 239 -3.33 9.95 -2.91
N HIS A 240 -2.56 10.94 -3.35
CA HIS A 240 -1.70 10.80 -4.52
C HIS A 240 -0.24 11.15 -4.22
N LEU A 241 0.21 10.73 -3.05
CA LEU A 241 1.61 10.90 -2.65
C LEU A 241 2.09 9.61 -1.97
N GLY A 242 3.01 8.92 -2.63
CA GLY A 242 3.56 7.67 -2.11
C GLY A 242 4.86 7.28 -2.78
N GLY A 243 5.33 6.08 -2.44
CA GLY A 243 6.59 5.56 -2.96
C GLY A 243 6.73 5.56 -4.47
N GLU A 244 5.62 5.31 -5.18
CA GLU A 244 5.61 5.28 -6.64
C GLU A 244 6.03 6.64 -7.23
N ASP A 245 5.65 7.72 -6.54
CA ASP A 245 6.03 9.06 -6.96
C ASP A 245 7.52 9.31 -6.80
N PHE A 246 8.11 8.72 -5.75
CA PHE A 246 9.55 8.82 -5.52
C PHE A 246 10.31 8.03 -6.59
N ASP A 247 9.77 6.88 -6.99
CA ASP A 247 10.33 6.08 -8.09
C ASP A 247 10.37 6.88 -9.39
N TYR A 248 9.27 7.55 -9.67
CA TYR A 248 9.14 8.33 -10.91
C TYR A 248 10.17 9.45 -11.06
N LYS A 249 10.54 10.09 -9.98
CA LYS A 249 11.59 11.07 -10.02
C LYS A 249 12.91 10.47 -10.45
N ILE A 250 13.20 9.28 -9.97
CA ILE A 250 14.38 8.54 -10.42
C ILE A 250 14.25 8.18 -11.91
N VAL A 251 13.06 7.71 -12.31
CA VAL A 251 12.77 7.37 -13.70
C VAL A 251 13.10 8.52 -14.66
N ARG A 252 12.73 9.62 -14.29
CA ARG A 252 12.92 10.81 -15.12
C ARG A 252 14.41 11.16 -15.26
N GLN A 253 15.14 10.98 -14.24
CA GLN A 253 16.59 11.17 -14.26
C GLN A 253 17.29 10.15 -15.15
N LEU A 254 16.79 8.91 -15.13
CA LEU A 254 17.33 7.82 -15.95
C LEU A 254 17.05 8.02 -17.44
N ILE A 255 15.85 8.53 -17.75
CA ILE A 255 15.49 8.88 -19.13
C ILE A 255 16.47 9.94 -19.66
N LYS A 256 16.68 10.97 -18.85
CA LYS A 256 17.56 12.09 -19.20
C LYS A 256 19.01 11.61 -19.42
N ALA A 257 19.49 10.77 -18.51
CA ALA A 257 20.86 10.25 -18.58
C ALA A 257 21.09 9.38 -19.82
N PHE A 258 20.17 8.47 -20.08
CA PHE A 258 20.27 7.56 -21.23
C PHE A 258 20.18 8.30 -22.56
N LYS A 259 19.33 9.32 -22.61
CA LYS A 259 19.20 10.19 -23.79
C LYS A 259 20.48 10.99 -24.03
N LYS A 260 21.07 11.51 -22.95
CA LYS A 260 22.31 12.28 -23.04
C LYS A 260 23.45 11.42 -23.60
N LYS A 261 23.57 10.21 -23.07
CA LYS A 261 24.66 9.29 -23.42
C LYS A 261 24.49 8.66 -24.80
N HIS A 262 23.25 8.30 -25.15
CA HIS A 262 23.03 7.43 -26.32
C HIS A 262 22.09 7.97 -27.39
N GLY A 263 21.50 9.15 -27.15
CA GLY A 263 20.63 9.80 -28.13
C GLY A 263 19.28 9.13 -28.32
N ILE A 264 18.92 8.25 -27.37
CA ILE A 264 17.67 7.51 -27.41
C ILE A 264 16.76 7.98 -26.27
N ASP A 265 15.63 8.59 -26.64
CA ASP A 265 14.64 9.06 -25.69
C ASP A 265 13.55 8.02 -25.53
N VAL A 266 13.43 7.44 -24.33
CA VAL A 266 12.48 6.36 -24.08
C VAL A 266 11.14 6.82 -23.51
N SER A 267 10.87 8.12 -23.59
CA SER A 267 9.67 8.73 -23.01
C SER A 267 8.35 8.15 -23.54
N ASP A 268 8.36 7.67 -24.78
CA ASP A 268 7.18 7.09 -25.41
C ASP A 268 7.31 5.57 -25.61
N ASN A 269 8.28 4.98 -24.91
CA ASN A 269 8.51 3.54 -24.95
C ASN A 269 8.06 2.92 -23.64
N ASN A 270 6.82 2.42 -23.63
CA ASN A 270 6.20 1.90 -22.40
C ASN A 270 6.92 0.72 -21.77
N LYS A 271 7.43 -0.19 -22.59
CA LYS A 271 8.18 -1.35 -22.09
C LYS A 271 9.50 -0.93 -21.45
N ALA A 272 10.19 0.05 -22.06
CA ALA A 272 11.41 0.61 -21.50
C ALA A 272 11.14 1.37 -20.20
N LEU A 273 10.06 2.14 -20.19
CA LEU A 273 9.64 2.89 -19.00
C LEU A 273 9.32 1.97 -17.82
N ALA A 274 8.72 0.83 -18.10
CA ALA A 274 8.39 -0.16 -17.08
C ALA A 274 9.65 -0.78 -16.47
N LYS A 275 10.65 -1.04 -17.30
CA LYS A 275 11.95 -1.54 -16.85
C LYS A 275 12.62 -0.52 -15.93
N LEU A 276 12.52 0.76 -16.29
CA LEU A 276 13.06 1.85 -15.49
C LEU A 276 12.38 1.96 -14.14
N LYS A 277 11.05 1.84 -14.15
CA LYS A 277 10.25 1.88 -12.92
C LYS A 277 10.65 0.78 -11.94
N ARG A 278 10.84 -0.43 -12.47
CA ARG A 278 11.28 -1.58 -11.68
C ARG A 278 12.64 -1.35 -11.04
N GLU A 279 13.61 -0.91 -11.83
CA GLU A 279 14.96 -0.66 -11.35
C GLU A 279 15.06 0.57 -10.46
N ALA A 280 14.22 1.57 -10.72
CA ALA A 280 14.14 2.76 -9.89
C ALA A 280 13.70 2.43 -8.46
N GLU A 281 12.70 1.57 -8.34
CA GLU A 281 12.18 1.14 -7.04
C GLU A 281 13.23 0.35 -6.27
N LYS A 282 13.98 -0.50 -6.98
CA LYS A 282 15.09 -1.26 -6.38
C LYS A 282 16.17 -0.34 -5.83
N ALA A 283 16.57 0.65 -6.64
CA ALA A 283 17.58 1.63 -6.25
C ALA A 283 17.15 2.41 -5.01
N LYS A 284 15.90 2.88 -5.04
CA LYS A 284 15.32 3.61 -3.91
C LYS A 284 15.42 2.79 -2.62
N ARG A 285 14.96 1.53 -2.67
CA ARG A 285 15.02 0.63 -1.52
C ARG A 285 16.44 0.50 -0.98
N ALA A 286 17.40 0.34 -1.89
CA ALA A 286 18.80 0.20 -1.53
C ALA A 286 19.31 1.45 -0.78
N LEU A 287 18.86 2.62 -1.21
CA LEU A 287 19.31 3.88 -0.62
C LEU A 287 18.75 4.18 0.77
N SER A 288 17.88 3.29 1.26
CA SER A 288 17.39 3.37 2.64
C SER A 288 18.42 2.82 3.63
N SER A 289 19.37 2.04 3.12
CA SER A 289 20.41 1.44 3.96
C SER A 289 21.83 1.71 3.44
N GLN A 290 21.93 2.14 2.18
CA GLN A 290 23.21 2.48 1.55
C GLN A 290 23.27 3.95 1.16
N MET A 291 24.48 4.47 1.00
CA MET A 291 24.68 5.87 0.60
C MET A 291 24.69 6.05 -0.93
N SER A 292 24.94 4.95 -1.64
CA SER A 292 24.99 4.96 -3.10
C SER A 292 24.62 3.59 -3.66
N THR A 293 24.08 3.58 -4.88
CA THR A 293 23.68 2.33 -5.54
C THR A 293 23.86 2.39 -7.06
N ARG A 294 24.07 1.21 -7.67
CA ARG A 294 24.21 1.08 -9.11
C ARG A 294 22.88 0.69 -9.76
N ILE A 295 22.44 1.49 -10.71
CA ILE A 295 21.25 1.18 -11.50
C ILE A 295 21.71 0.65 -12.85
N GLU A 296 21.40 -0.62 -13.13
CA GLU A 296 21.91 -1.31 -14.31
C GLU A 296 20.84 -2.15 -15.01
N ILE A 297 20.69 -1.92 -16.31
CA ILE A 297 19.83 -2.74 -17.16
C ILE A 297 20.63 -3.17 -18.39
N ASP A 298 20.91 -4.46 -18.48
CA ASP A 298 21.63 -5.00 -19.63
C ASP A 298 20.74 -5.09 -20.86
N SER A 299 21.27 -4.65 -21.99
CA SER A 299 20.55 -4.58 -23.27
C SER A 299 19.18 -3.90 -23.10
N PHE A 300 19.23 -2.66 -22.60
CA PHE A 300 18.03 -1.88 -22.28
C PHE A 300 17.23 -1.51 -23.53
N VAL A 301 17.85 -0.75 -24.43
CA VAL A 301 17.25 -0.42 -25.73
C VAL A 301 18.30 -0.62 -26.83
N ASP A 302 17.91 -1.34 -27.87
CA ASP A 302 18.76 -1.58 -29.05
C ASP A 302 20.14 -2.16 -28.72
N GLY A 303 20.18 -3.09 -27.77
CA GLY A 303 21.42 -3.74 -27.36
C GLY A 303 22.33 -2.90 -26.46
N ILE A 304 21.87 -1.68 -26.13
CA ILE A 304 22.68 -0.76 -25.34
C ILE A 304 22.34 -0.85 -23.86
N ASP A 305 23.38 -1.09 -23.05
CA ASP A 305 23.22 -1.22 -21.60
C ASP A 305 22.96 0.13 -20.93
N LEU A 306 22.05 0.14 -19.97
CA LEU A 306 21.90 1.27 -19.06
C LEU A 306 22.78 1.03 -17.84
N SER A 307 23.58 2.02 -17.50
CA SER A 307 24.49 1.94 -16.36
C SER A 307 24.62 3.30 -15.71
N GLU A 308 23.94 3.46 -14.57
CA GLU A 308 23.92 4.72 -13.85
C GLU A 308 24.21 4.51 -12.37
N THR A 309 24.51 5.61 -11.68
CA THR A 309 24.68 5.61 -10.23
C THR A 309 23.76 6.64 -9.61
N LEU A 310 23.16 6.30 -8.48
CA LEU A 310 22.33 7.22 -7.72
C LEU A 310 22.79 7.23 -6.26
N THR A 311 23.03 8.44 -5.74
CA THR A 311 23.40 8.61 -4.34
C THR A 311 22.15 8.91 -3.52
N ARG A 312 22.25 8.69 -2.21
CA ARG A 312 21.17 9.04 -1.28
C ARG A 312 20.89 10.54 -1.32
N ALA A 313 21.97 11.33 -1.34
CA ALA A 313 21.88 12.79 -1.39
C ALA A 313 21.07 13.29 -2.59
N LYS A 314 21.31 12.70 -3.76
CA LYS A 314 20.59 13.04 -4.99
C LYS A 314 19.13 12.61 -4.91
N PHE A 315 18.88 11.39 -4.44
CA PHE A 315 17.53 10.88 -4.24
C PHE A 315 16.72 11.79 -3.30
N GLU A 316 17.38 12.23 -2.22
CA GLU A 316 16.78 13.17 -1.28
C GLU A 316 16.51 14.53 -1.93
N GLU A 317 17.48 15.01 -2.70
CA GLU A 317 17.34 16.28 -3.43
C GLU A 317 16.15 16.27 -4.39
N LEU A 318 16.00 15.17 -5.13
CA LEU A 318 14.92 15.02 -6.11
C LEU A 318 13.53 14.93 -5.46
N ASN A 319 13.48 14.48 -4.21
CA ASN A 319 12.20 14.20 -3.54
C ASN A 319 11.89 15.07 -2.32
N LEU A 320 12.79 15.99 -1.99
CA LEU A 320 12.66 16.81 -0.77
C LEU A 320 11.33 17.53 -0.66
N ASP A 321 10.90 18.16 -1.76
CA ASP A 321 9.62 18.87 -1.80
C ASP A 321 8.44 17.95 -1.52
N LEU A 322 8.48 16.74 -2.06
CA LEU A 322 7.46 15.73 -1.83
C LEU A 322 7.50 15.22 -0.38
N PHE A 323 8.72 15.03 0.13
CA PHE A 323 8.91 14.64 1.53
C PHE A 323 8.37 15.70 2.49
N LYS A 324 8.67 16.97 2.20
CA LYS A 324 8.23 18.09 3.03
C LYS A 324 6.71 18.30 2.99
N LYS A 325 6.10 17.93 1.88
CA LYS A 325 4.64 18.02 1.71
C LYS A 325 3.88 17.20 2.75
N THR A 326 4.51 16.15 3.27
CA THR A 326 3.88 15.26 4.25
C THR A 326 3.66 15.91 5.62
N LEU A 327 4.43 16.96 5.91
CA LEU A 327 4.35 17.64 7.21
C LEU A 327 3.11 18.54 7.35
N LYS A 328 2.57 18.99 6.23
CA LYS A 328 1.36 19.83 6.22
C LYS A 328 0.11 19.14 6.79
N PRO A 329 -0.22 17.92 6.31
CA PRO A 329 -1.31 17.16 6.92
C PRO A 329 -1.11 16.83 8.41
N VAL A 330 0.15 16.63 8.83
CA VAL A 330 0.47 16.39 10.23
C VAL A 330 0.08 17.62 11.06
N GLU A 331 0.45 18.79 10.57
CA GLU A 331 0.10 20.07 11.16
C GLU A 331 -1.44 20.25 11.20
N LYS A 332 -2.10 19.88 10.12
CA LYS A 332 -3.55 20.00 10.00
C LYS A 332 -4.29 19.13 11.01
N VAL A 333 -3.81 17.91 11.21
CA VAL A 333 -4.39 16.96 12.16
C VAL A 333 -4.30 17.50 13.60
N LEU A 334 -3.17 18.09 13.95
CA LEU A 334 -2.95 18.68 15.27
C LEU A 334 -3.84 19.91 15.49
N GLN A 335 -4.03 20.69 14.41
CA GLN A 335 -4.90 21.87 14.44
C GLN A 335 -6.38 21.50 14.57
N ASP A 336 -6.81 20.50 13.80
CA ASP A 336 -8.19 20.03 13.80
C ASP A 336 -8.60 19.42 15.14
N SER A 337 -7.65 18.75 15.79
CA SER A 337 -7.88 18.14 17.10
C SER A 337 -7.65 19.13 18.24
N GLY A 338 -6.90 20.19 17.95
CA GLY A 338 -6.60 21.23 18.94
C GLY A 338 -5.51 20.83 19.92
N LEU A 339 -4.56 20.02 19.46
CA LEU A 339 -3.44 19.57 20.27
C LEU A 339 -2.12 20.20 19.83
N GLU A 340 -1.16 20.25 20.76
CA GLU A 340 0.19 20.70 20.47
C GLU A 340 1.08 19.49 20.18
N LYS A 341 2.29 19.75 19.68
CA LYS A 341 3.26 18.69 19.37
C LYS A 341 3.67 17.91 20.62
N LYS A 342 3.84 18.63 21.73
CA LYS A 342 4.23 18.05 23.01
C LYS A 342 3.13 17.17 23.61
N ASP A 343 1.90 17.35 23.15
CA ASP A 343 0.75 16.59 23.63
C ASP A 343 0.66 15.19 23.01
N VAL A 344 1.44 14.97 21.96
CA VAL A 344 1.50 13.66 21.30
C VAL A 344 2.38 12.71 22.12
N ASP A 345 1.79 11.61 22.57
CA ASP A 345 2.48 10.63 23.41
C ASP A 345 3.27 9.62 22.60
N ASP A 346 2.73 9.23 21.44
CA ASP A 346 3.37 8.23 20.59
C ASP A 346 3.25 8.62 19.12
N ILE A 347 4.35 8.43 18.39
CA ILE A 347 4.35 8.58 16.93
C ILE A 347 4.62 7.22 16.32
N VAL A 348 3.60 6.67 15.66
CA VAL A 348 3.69 5.37 15.02
C VAL A 348 4.05 5.54 13.54
N LEU A 349 5.22 5.04 13.16
CA LEU A 349 5.68 5.08 11.78
C LEU A 349 5.37 3.78 11.06
N VAL A 350 4.43 3.84 10.11
CA VAL A 350 4.06 2.67 9.31
C VAL A 350 4.01 3.00 7.83
N GLY A 351 3.99 1.95 6.99
CA GLY A 351 4.03 2.13 5.54
C GLY A 351 5.45 1.94 5.05
N GLY A 352 5.60 1.30 3.89
CA GLY A 352 6.91 0.93 3.37
C GLY A 352 7.88 2.08 3.16
N SER A 353 7.33 3.23 2.75
CA SER A 353 8.14 4.40 2.43
C SER A 353 8.75 5.08 3.66
N THR A 354 8.30 4.71 4.85
CA THR A 354 8.84 5.30 6.08
C THR A 354 10.21 4.74 6.44
N ARG A 355 10.70 3.80 5.63
CA ARG A 355 12.06 3.28 5.76
C ARG A 355 13.09 4.29 5.25
N ILE A 356 12.65 5.26 4.46
CA ILE A 356 13.52 6.32 3.95
C ILE A 356 14.03 7.19 5.11
N PRO A 357 15.36 7.20 5.34
CA PRO A 357 15.97 7.96 6.43
C PRO A 357 15.54 9.43 6.48
N LYS A 358 15.47 10.10 5.34
CA LYS A 358 15.09 11.52 5.26
C LYS A 358 13.66 11.76 5.75
N VAL A 359 12.75 10.84 5.43
CA VAL A 359 11.36 10.90 5.89
C VAL A 359 11.31 10.85 7.42
N GLN A 360 12.06 9.92 8.00
CA GLN A 360 12.17 9.78 9.45
C GLN A 360 12.80 11.02 10.09
N GLN A 361 13.84 11.55 9.45
CA GLN A 361 14.54 12.76 9.90
C GLN A 361 13.60 13.96 9.97
N LEU A 362 12.82 14.16 8.92
CA LEU A 362 11.91 15.30 8.81
C LEU A 362 10.75 15.24 9.81
N LEU A 363 10.26 14.04 10.08
CA LEU A 363 9.18 13.83 11.03
C LEU A 363 9.68 14.05 12.47
N GLU A 364 10.87 13.55 12.75
CA GLU A 364 11.49 13.68 14.08
C GLU A 364 11.82 15.13 14.41
N SER A 365 12.37 15.85 13.42
CA SER A 365 12.71 17.26 13.60
C SER A 365 11.46 18.14 13.71
N TYR A 366 10.38 17.72 13.06
CA TYR A 366 9.09 18.41 13.19
C TYR A 366 8.52 18.27 14.61
N PHE A 367 8.70 17.10 15.20
CA PHE A 367 8.24 16.85 16.57
C PHE A 367 9.33 17.11 17.61
N ASP A 368 10.22 18.06 17.29
CA ASP A 368 11.25 18.56 18.22
C ASP A 368 12.18 17.47 18.77
N GLY A 369 12.49 16.48 17.94
CA GLY A 369 13.44 15.43 18.30
C GLY A 369 12.83 14.17 18.87
N LYS A 370 11.50 14.13 18.95
CA LYS A 370 10.80 12.96 19.49
C LYS A 370 10.90 11.76 18.55
N LYS A 371 11.43 10.66 19.08
CA LYS A 371 11.62 9.42 18.32
C LYS A 371 10.30 8.73 18.02
N ALA A 372 10.12 8.36 16.76
CA ALA A 372 8.94 7.61 16.32
C ALA A 372 9.13 6.12 16.58
N SER A 373 8.03 5.44 16.86
CA SER A 373 8.02 3.99 17.02
C SER A 373 8.06 3.30 15.66
N LYS A 374 9.14 2.58 15.40
CA LYS A 374 9.35 1.93 14.10
C LYS A 374 9.88 0.50 14.21
N GLY A 375 9.86 -0.05 15.42
CA GLY A 375 10.39 -1.39 15.69
C GLY A 375 9.69 -2.52 14.97
N ILE A 376 8.40 -2.36 14.71
CA ILE A 376 7.65 -3.33 13.93
C ILE A 376 7.82 -3.01 12.45
N ASN A 377 8.08 -4.05 11.66
CA ASN A 377 8.21 -3.92 10.22
C ASN A 377 7.06 -3.07 9.66
N PRO A 378 7.38 -1.89 9.08
CA PRO A 378 6.36 -0.92 8.67
C PRO A 378 5.43 -1.40 7.55
N ASP A 379 5.90 -2.39 6.78
CA ASP A 379 5.11 -3.04 5.72
C ASP A 379 4.03 -3.92 6.31
N GLU A 380 4.21 -4.29 7.56
CA GLU A 380 3.52 -5.42 8.17
C GLU A 380 2.68 -5.04 9.40
N ALA A 381 2.92 -3.85 9.95
CA ALA A 381 2.28 -3.44 11.21
C ALA A 381 0.76 -3.44 11.15
N VAL A 382 0.19 -3.03 10.03
CA VAL A 382 -1.27 -3.00 9.86
C VAL A 382 -1.85 -4.42 9.87
N ALA A 383 -1.29 -5.32 9.06
CA ALA A 383 -1.71 -6.72 9.05
C ALA A 383 -1.48 -7.39 10.41
N TYR A 384 -0.37 -7.02 11.06
CA TYR A 384 -0.05 -7.52 12.39
C TYR A 384 -1.18 -7.19 13.37
N GLY A 385 -1.57 -5.91 13.40
CA GLY A 385 -2.65 -5.44 14.27
C GLY A 385 -3.98 -6.09 13.95
N ALA A 386 -4.24 -6.28 12.66
CA ALA A 386 -5.46 -6.97 12.21
C ALA A 386 -5.51 -8.38 12.76
N ALA A 387 -4.38 -9.08 12.73
CA ALA A 387 -4.27 -10.45 13.23
C ALA A 387 -4.43 -10.51 14.76
N VAL A 388 -3.92 -9.50 15.45
CA VAL A 388 -4.08 -9.40 16.91
C VAL A 388 -5.57 -9.31 17.27
N GLN A 389 -6.28 -8.43 16.56
CA GLN A 389 -7.72 -8.27 16.78
C GLN A 389 -8.48 -9.54 16.39
N ALA A 390 -8.05 -10.17 15.30
CA ALA A 390 -8.61 -11.44 14.86
C ALA A 390 -8.44 -12.53 15.93
N GLY A 391 -7.30 -12.51 16.61
CA GLY A 391 -6.97 -13.47 17.66
C GLY A 391 -7.97 -13.47 18.81
N VAL A 392 -8.51 -12.30 19.11
CA VAL A 392 -9.53 -12.13 20.15
C VAL A 392 -10.84 -12.83 19.74
N LEU A 393 -11.07 -12.91 18.43
CA LEU A 393 -12.28 -13.52 17.89
C LEU A 393 -12.14 -15.04 17.71
N SER A 394 -10.91 -15.51 17.56
CA SER A 394 -10.63 -16.95 17.41
C SER A 394 -10.95 -17.73 18.70
PB ADP B . 0.57 0.11 0.65
O1B ADP B . -0.09 -0.51 -0.55
O2B ADP B . 0.90 1.56 0.49
O3B ADP B . -0.13 -0.25 1.95
PA ADP B . 3.26 -0.36 1.68
O1A ADP B . 4.02 -1.66 1.79
O2A ADP B . 2.83 0.38 2.92
O3A ADP B . 1.99 -0.67 0.72
O5' ADP B . 4.15 0.66 0.83
C5' ADP B . 4.72 0.28 -0.43
C4' ADP B . 5.82 1.27 -0.76
O4' ADP B . 6.88 1.17 0.19
C3' ADP B . 6.42 1.02 -2.14
O3' ADP B . 6.46 2.25 -2.85
C2' ADP B . 7.84 0.54 -1.83
O2' ADP B . 8.79 0.89 -2.84
C1' ADP B . 8.11 1.25 -0.51
N9 ADP B . 9.24 0.61 0.19
C8 ADP B . 9.31 -0.67 0.63
N7 ADP B . 10.51 -0.90 1.22
C5 ADP B . 11.22 0.25 1.16
C6 ADP B . 12.56 0.70 1.58
N6 ADP B . 13.41 -0.15 2.21
N1 ADP B . 12.91 1.98 1.32
C2 ADP B . 12.09 2.84 0.68
N3 ADP B . 10.85 2.50 0.27
C4 ADP B . 10.38 1.24 0.47
P PO4 C . -3.31 2.33 1.72
O1 PO4 C . -1.98 2.29 2.43
O2 PO4 C . -3.21 3.20 0.49
O3 PO4 C . -3.72 0.92 1.32
O4 PO4 C . -4.38 2.90 2.64
MG MG D . -1.05 0.80 3.52
P PO4 E . -7.23 4.79 -1.71
O1 PO4 E . -6.64 3.69 -2.56
O2 PO4 E . -8.70 4.54 -1.50
O3 PO4 E . -6.53 4.81 -0.38
O4 PO4 E . -7.05 6.12 -2.40
#